data_9BEZ
#
_entry.id   9BEZ
#
_cell.length_a   37.549
_cell.length_b   46.899
_cell.length_c   66.209
_cell.angle_alpha   86.005
_cell.angle_beta   74.022
_cell.angle_gamma   84.760
#
_symmetry.space_group_name_H-M   'P 1'
#
loop_
_entity.id
_entity.type
_entity.pdbx_description
1 polymer 'Protein argonaute-2'
2 non-polymer '[(3~{S},4~{R},5~{R})-5-[5-methyl-2,4-bis(oxidanylidene)pyrimidin-1-yl]-4-oxidanyl-oxolan-3-yl] [oxidanyl(phosphonooxy)phosphoryl] hydrogen phosphate'
3 water water
#
_entity_poly.entity_id   1
_entity_poly.type   'polypeptide(L)'
_entity_poly.pdbx_seq_one_letter_code
;KQFHTGIEIKVWAIACFAPQRQCTEVHLKSFTEQLRKISRDAGMPIQGQPCFCKYAQGADSVEPMFRHLKNTYAGLQLVV
VILPGKTPVYAEVKRVGDTVLGMATQCVQMKNVQRTTPQTLSNLCLKINVKLGGVN
;
_entity_poly.pdbx_strand_id   A,B,C
#
# COMPACT_ATOMS: atom_id res chain seq x y z
N LYS A 1 -13.10 13.90 18.22
CA LYS A 1 -11.84 14.30 17.61
C LYS A 1 -10.89 14.88 18.66
N GLN A 2 -11.25 16.04 19.21
CA GLN A 2 -10.36 16.91 19.97
C GLN A 2 -9.19 17.44 19.14
N PHE A 3 -9.15 18.76 18.98
CA PHE A 3 -7.99 19.47 18.47
C PHE A 3 -6.81 19.28 19.41
N HIS A 4 -5.62 19.01 18.84
CA HIS A 4 -4.39 18.81 19.60
C HIS A 4 -3.55 20.08 19.61
N THR A 5 -3.16 20.53 20.81
CA THR A 5 -2.32 21.69 20.99
C THR A 5 -0.89 21.20 20.96
N GLY A 6 0.07 22.12 20.76
CA GLY A 6 1.47 21.72 20.88
C GLY A 6 2.07 20.94 19.72
N ILE A 7 1.38 20.85 18.58
CA ILE A 7 1.99 20.29 17.38
C ILE A 7 2.78 21.38 16.65
N GLU A 8 3.98 21.03 16.15
CA GLU A 8 4.75 21.93 15.31
C GLU A 8 5.16 21.16 14.09
N ILE A 9 4.92 21.70 12.89
CA ILE A 9 5.27 21.00 11.66
C ILE A 9 6.50 21.70 11.14
N LYS A 10 7.65 21.08 11.35
CA LYS A 10 8.93 21.67 11.00
C LYS A 10 9.43 21.18 9.66
N VAL A 11 9.15 19.93 9.31
CA VAL A 11 9.67 19.38 8.05
C VAL A 11 8.50 18.85 7.25
N TRP A 12 8.20 19.54 6.14
CA TRP A 12 7.08 19.18 5.30
C TRP A 12 7.40 19.47 3.85
N ALA A 13 6.71 18.77 2.96
CA ALA A 13 6.94 18.89 1.51
C ALA A 13 5.64 19.16 0.77
N ILE A 14 5.79 19.73 -0.41
CA ILE A 14 4.68 19.90 -1.33
C ILE A 14 4.99 19.11 -2.58
N ALA A 15 4.04 18.27 -2.96
CA ALA A 15 4.10 17.56 -4.23
C ALA A 15 2.89 18.01 -5.02
N CYS A 16 3.12 18.75 -6.11
CA CYS A 16 2.02 19.27 -6.91
C CYS A 16 1.74 18.47 -8.18
N PHE A 17 0.62 17.74 -8.17
CA PHE A 17 0.26 16.92 -9.31
C PHE A 17 -0.71 17.65 -10.23
N ALA A 18 -1.08 18.86 -9.87
CA ALA A 18 -1.81 19.73 -10.78
C ALA A 18 -0.80 20.32 -11.77
N PRO A 19 -1.21 20.58 -13.03
CA PRO A 19 -0.28 21.13 -14.02
C PRO A 19 0.14 22.54 -13.61
N GLN A 20 1.44 22.82 -13.82
CA GLN A 20 2.01 24.10 -13.49
C GLN A 20 1.26 25.22 -14.20
N ARG A 21 0.78 24.96 -15.43
CA ARG A 21 0.10 26.00 -16.17
C ARG A 21 -1.19 26.44 -15.47
N GLN A 22 -1.73 25.61 -14.59
CA GLN A 22 -2.92 26.01 -13.85
C GLN A 22 -2.59 26.40 -12.43
N CYS A 23 -1.58 25.75 -11.86
CA CYS A 23 -1.21 25.95 -10.46
C CYS A 23 0.27 26.34 -10.42
N THR A 24 0.54 27.64 -10.58
CA THR A 24 1.89 28.13 -10.79
C THR A 24 2.62 28.25 -9.47
N GLU A 25 3.92 28.51 -9.57
CA GLU A 25 4.72 28.76 -8.39
C GLU A 25 4.17 29.85 -7.49
N VAL A 26 3.70 30.96 -8.05
CA VAL A 26 3.20 32.03 -7.23
C VAL A 26 1.92 31.62 -6.52
N HIS A 27 1.09 30.80 -7.17
CA HIS A 27 -0.11 30.25 -6.52
C HIS A 27 0.28 29.39 -5.32
N LEU A 28 1.31 28.57 -5.50
CA LEU A 28 1.81 27.73 -4.41
C LEU A 28 2.44 28.47 -3.25
N LYS A 29 3.28 29.44 -3.54
CA LYS A 29 3.87 30.30 -2.51
C LYS A 29 2.84 31.14 -1.77
N SER A 30 1.83 31.62 -2.47
CA SER A 30 0.77 32.39 -1.84
C SER A 30 -0.03 31.50 -0.90
N PHE A 31 -0.41 30.33 -1.41
CA PHE A 31 -1.07 29.29 -0.63
C PHE A 31 -0.28 28.91 0.64
N THR A 32 1.03 28.68 0.49
CA THR A 32 1.92 28.37 1.58
C THR A 32 1.89 29.45 2.66
N GLU A 33 2.00 30.73 2.27
CA GLU A 33 2.00 31.82 3.23
C GLU A 33 0.70 31.88 4.00
N GLN A 34 -0.44 31.71 3.29
CA GLN A 34 -1.73 31.71 3.99
C GLN A 34 -1.88 30.54 4.98
N LEU A 35 -1.39 29.36 4.56
CA LEU A 35 -1.43 28.18 5.40
C LEU A 35 -0.59 28.35 6.65
N ARG A 36 0.60 28.95 6.49
CA ARG A 36 1.51 29.24 7.59
C ARG A 36 0.80 30.12 8.65
N LYS A 37 0.10 31.14 8.18
CA LYS A 37 -0.47 32.14 9.04
C LYS A 37 -1.58 31.53 9.86
N ILE A 38 -2.52 30.86 9.20
CA ILE A 38 -3.65 30.32 9.93
C ILE A 38 -3.19 29.20 10.88
N SER A 39 -2.22 28.38 10.46
CA SER A 39 -1.79 27.28 11.29
C SER A 39 -1.11 27.83 12.55
N ARG A 40 -0.37 28.95 12.39
CA ARG A 40 0.28 29.62 13.52
C ARG A 40 -0.76 30.16 14.47
N ASP A 41 -1.76 30.84 13.94
CA ASP A 41 -2.79 31.46 14.77
C ASP A 41 -3.53 30.39 15.58
N ALA A 42 -3.72 29.21 15.01
CA ALA A 42 -4.42 28.12 15.65
C ALA A 42 -3.55 27.27 16.57
N GLY A 43 -2.29 27.64 16.72
CA GLY A 43 -1.36 26.94 17.60
C GLY A 43 -0.93 25.56 17.10
N MET A 44 -0.92 25.35 15.80
CA MET A 44 -0.27 24.19 15.20
C MET A 44 0.65 24.66 14.08
N PRO A 45 1.69 25.45 14.39
CA PRO A 45 2.38 26.18 13.31
C PRO A 45 3.08 25.28 12.32
N ILE A 46 2.79 25.53 11.03
CA ILE A 46 3.46 24.86 9.92
C ILE A 46 4.59 25.80 9.58
N GLN A 47 5.77 25.48 10.10
CA GLN A 47 6.80 26.46 10.36
C GLN A 47 7.67 26.27 9.13
N GLY A 48 8.25 27.37 8.67
CA GLY A 48 9.22 27.32 7.59
C GLY A 48 8.57 27.10 6.21
N GLN A 49 9.37 27.36 5.19
CA GLN A 49 9.15 26.90 3.85
C GLN A 49 9.23 25.38 3.79
N PRO A 50 8.55 24.74 2.83
CA PRO A 50 8.66 23.28 2.69
C PRO A 50 10.09 22.96 2.35
N CYS A 51 10.55 21.78 2.80
CA CYS A 51 11.88 21.29 2.48
C CYS A 51 11.99 20.85 1.01
N PHE A 52 10.85 20.71 0.34
CA PHE A 52 10.81 20.22 -1.03
C PHE A 52 9.48 20.67 -1.63
N CYS A 53 9.50 21.05 -2.92
CA CYS A 53 8.31 21.51 -3.62
C CYS A 53 8.54 21.22 -5.11
N LYS A 54 7.87 20.21 -5.63
CA LYS A 54 8.05 19.86 -7.03
C LYS A 54 6.73 19.48 -7.65
N TYR A 55 6.68 19.73 -8.96
CA TYR A 55 5.62 19.30 -9.83
C TYR A 55 5.86 17.87 -10.28
N ALA A 56 4.79 17.13 -10.47
CA ALA A 56 4.85 15.85 -11.17
C ALA A 56 3.52 15.66 -11.87
N GLN A 57 3.46 14.68 -12.75
CA GLN A 57 2.27 14.38 -13.54
C GLN A 57 2.07 12.86 -13.58
N GLY A 58 0.86 12.44 -13.25
CA GLY A 58 0.48 11.05 -13.30
C GLY A 58 0.64 10.31 -11.98
N ALA A 59 -0.33 9.41 -11.73
CA ALA A 59 -0.23 8.43 -10.67
C ALA A 59 1.10 7.69 -10.66
N ASP A 60 1.66 7.40 -11.85
CA ASP A 60 2.93 6.69 -11.93
C ASP A 60 4.14 7.41 -11.32
N SER A 61 4.04 8.74 -11.12
CA SER A 61 5.08 9.51 -10.48
C SER A 61 5.09 9.47 -8.96
N VAL A 62 3.99 9.01 -8.34
CA VAL A 62 3.82 9.09 -6.90
C VAL A 62 4.89 8.33 -6.13
N GLU A 63 5.02 7.02 -6.42
CA GLU A 63 5.91 6.16 -5.68
C GLU A 63 7.36 6.65 -5.78
N PRO A 64 7.91 6.89 -7.01
CA PRO A 64 9.25 7.47 -7.12
C PRO A 64 9.52 8.75 -6.33
N MET A 65 8.56 9.69 -6.40
CA MET A 65 8.72 10.94 -5.70
C MET A 65 8.70 10.73 -4.18
N PHE A 66 7.73 9.95 -3.71
CA PHE A 66 7.67 9.69 -2.28
C PHE A 66 8.86 8.86 -1.74
N ARG A 67 9.38 7.86 -2.48
CA ARG A 67 10.60 7.19 -2.10
C ARG A 67 11.74 8.20 -1.94
N HIS A 68 11.86 9.11 -2.92
CA HIS A 68 12.86 10.17 -2.84
C HIS A 68 12.70 10.95 -1.52
N LEU A 69 11.48 11.39 -1.24
CA LEU A 69 11.19 12.19 -0.05
C LEU A 69 11.57 11.45 1.23
N LYS A 70 11.15 10.19 1.32
CA LYS A 70 11.41 9.37 2.49
C LYS A 70 12.89 9.19 2.71
N ASN A 71 13.64 8.99 1.63
CA ASN A 71 15.06 8.71 1.70
C ASN A 71 15.92 9.95 1.92
N THR A 72 15.39 11.14 1.59
CA THR A 72 16.19 12.35 1.62
C THR A 72 15.95 13.23 2.86
N TYR A 73 14.72 13.24 3.36
CA TYR A 73 14.31 14.11 4.45
C TYR A 73 13.93 13.23 5.65
N ALA A 74 14.92 12.91 6.49
CA ALA A 74 14.67 12.25 7.74
C ALA A 74 13.82 13.21 8.56
N GLY A 75 12.85 12.66 9.30
CA GLY A 75 11.99 13.52 10.10
C GLY A 75 10.98 14.35 9.30
N LEU A 76 10.80 14.02 8.00
CA LEU A 76 9.68 14.52 7.24
C LEU A 76 8.42 14.15 8.02
N GLN A 77 7.56 15.14 8.30
CA GLN A 77 6.32 14.93 9.02
C GLN A 77 5.07 14.81 8.16
N LEU A 78 5.11 15.43 6.98
CA LEU A 78 3.90 15.59 6.19
C LEU A 78 4.24 15.91 4.74
N VAL A 79 3.51 15.31 3.81
CA VAL A 79 3.46 15.75 2.42
C VAL A 79 2.08 16.31 2.09
N VAL A 80 2.03 17.57 1.63
CA VAL A 80 0.82 18.21 1.13
C VAL A 80 0.81 17.92 -0.36
N VAL A 81 -0.26 17.27 -0.83
CA VAL A 81 -0.33 16.82 -2.20
C VAL A 81 -1.45 17.61 -2.88
N ILE A 82 -1.10 18.33 -3.94
CA ILE A 82 -2.09 19.11 -4.67
C ILE A 82 -2.58 18.25 -5.82
N LEU A 83 -3.90 18.12 -5.92
CA LEU A 83 -4.51 17.25 -6.91
C LEU A 83 -5.26 18.02 -7.98
N PRO A 84 -5.19 17.57 -9.26
CA PRO A 84 -5.99 18.15 -10.33
C PRO A 84 -7.40 17.61 -10.46
N GLY A 85 -8.22 17.65 -9.42
CA GLY A 85 -9.60 17.22 -9.56
C GLY A 85 -9.65 15.72 -9.32
N LYS A 86 -10.63 15.05 -9.94
CA LYS A 86 -10.78 13.61 -9.88
C LYS A 86 -9.60 13.00 -10.60
N THR A 87 -8.91 12.06 -9.94
CA THR A 87 -7.69 11.54 -10.52
C THR A 87 -7.30 10.22 -9.84
N PRO A 88 -6.77 9.27 -10.63
CA PRO A 88 -6.14 8.08 -10.06
C PRO A 88 -4.98 8.45 -9.14
N VAL A 89 -4.53 9.73 -9.15
CA VAL A 89 -3.47 10.15 -8.25
C VAL A 89 -3.83 10.03 -6.77
N TYR A 90 -5.06 10.38 -6.44
CA TYR A 90 -5.52 10.28 -5.06
C TYR A 90 -5.37 8.85 -4.52
N ALA A 91 -5.93 7.89 -5.23
CA ALA A 91 -5.83 6.50 -4.82
C ALA A 91 -4.37 6.07 -4.66
N GLU A 92 -3.52 6.49 -5.59
CA GLU A 92 -2.15 6.07 -5.54
C GLU A 92 -1.43 6.74 -4.37
N VAL A 93 -1.75 8.01 -4.11
CA VAL A 93 -1.16 8.71 -2.98
C VAL A 93 -1.47 8.00 -1.66
N LYS A 94 -2.71 7.59 -1.48
CA LYS A 94 -3.10 6.86 -0.29
C LYS A 94 -2.43 5.50 -0.18
N ARG A 95 -2.33 4.76 -1.29
CA ARG A 95 -1.69 3.46 -1.30
C ARG A 95 -0.21 3.61 -0.93
N VAL A 96 0.48 4.55 -1.57
CA VAL A 96 1.90 4.69 -1.33
C VAL A 96 2.20 5.23 0.07
N GLY A 97 1.46 6.24 0.50
CA GLY A 97 1.72 6.88 1.78
C GLY A 97 1.36 6.02 2.98
N ASP A 98 0.18 5.39 2.92
CA ASP A 98 -0.36 4.61 4.02
C ASP A 98 0.13 3.17 4.05
N THR A 99 0.49 2.62 2.89
CA THR A 99 0.80 1.22 2.79
C THR A 99 2.24 0.91 2.38
N VAL A 100 2.81 1.72 1.49
CA VAL A 100 4.07 1.30 0.89
C VAL A 100 5.21 1.89 1.70
N LEU A 101 5.17 3.20 1.94
CA LEU A 101 6.28 3.91 2.56
C LEU A 101 6.05 4.37 4.00
N GLY A 102 4.78 4.49 4.41
CA GLY A 102 4.45 4.96 5.75
C GLY A 102 4.76 6.44 5.96
N MET A 103 4.01 7.30 5.26
CA MET A 103 4.21 8.73 5.26
C MET A 103 2.87 9.45 5.38
N ALA A 104 2.74 10.37 6.32
CA ALA A 104 1.56 11.21 6.47
C ALA A 104 1.40 12.14 5.26
N THR A 105 0.22 12.09 4.64
CA THR A 105 -0.08 12.88 3.46
C THR A 105 -1.42 13.54 3.69
N GLN A 106 -1.52 14.78 3.19
CA GLN A 106 -2.79 15.48 3.14
C GLN A 106 -3.01 16.01 1.75
N CYS A 107 -4.11 15.60 1.10
CA CYS A 107 -4.44 16.07 -0.24
C CYS A 107 -5.24 17.36 -0.18
N VAL A 108 -5.08 18.18 -1.21
CA VAL A 108 -5.84 19.42 -1.35
C VAL A 108 -6.15 19.61 -2.83
N GLN A 109 -7.39 19.99 -3.12
CA GLN A 109 -7.80 20.19 -4.50
C GLN A 109 -7.17 21.46 -5.09
N MET A 110 -6.71 21.38 -6.35
CA MET A 110 -6.05 22.51 -6.98
C MET A 110 -6.86 23.81 -6.89
N LYS A 111 -8.19 23.71 -6.95
CA LYS A 111 -8.99 24.92 -6.96
C LYS A 111 -8.87 25.66 -5.63
N ASN A 112 -8.56 24.94 -4.54
CA ASN A 112 -8.35 25.58 -3.25
C ASN A 112 -6.92 26.07 -3.03
N VAL A 113 -6.05 25.81 -3.98
CA VAL A 113 -4.73 26.39 -3.99
C VAL A 113 -4.77 27.65 -4.88
N GLN A 114 -5.51 27.59 -5.99
CA GLN A 114 -5.53 28.70 -6.92
C GLN A 114 -6.19 29.91 -6.29
N ARG A 115 -7.26 29.68 -5.51
CA ARG A 115 -7.86 30.70 -4.65
C ARG A 115 -8.07 30.10 -3.27
N THR A 116 -7.41 30.64 -2.24
CA THR A 116 -7.57 30.10 -0.90
C THR A 116 -8.74 30.83 -0.27
N THR A 117 -9.44 30.16 0.65
CA THR A 117 -10.34 30.85 1.55
C THR A 117 -9.99 30.41 2.98
N PRO A 118 -10.32 31.21 4.01
CA PRO A 118 -10.13 30.77 5.39
C PRO A 118 -10.79 29.43 5.70
N GLN A 119 -11.98 29.17 5.15
CA GLN A 119 -12.70 27.94 5.42
C GLN A 119 -11.98 26.72 4.88
N THR A 120 -11.42 26.79 3.66
CA THR A 120 -10.73 25.64 3.14
C THR A 120 -9.37 25.45 3.84
N LEU A 121 -8.69 26.54 4.18
CA LEU A 121 -7.45 26.43 4.94
C LEU A 121 -7.68 25.81 6.33
N SER A 122 -8.77 26.26 6.98
CA SER A 122 -9.21 25.67 8.24
C SER A 122 -9.46 24.18 8.08
N ASN A 123 -10.19 23.78 7.03
CA ASN A 123 -10.41 22.35 6.79
C ASN A 123 -9.12 21.57 6.77
N LEU A 124 -8.16 22.11 6.02
CA LEU A 124 -6.88 21.48 5.87
C LEU A 124 -6.12 21.36 7.17
N CYS A 125 -6.10 22.46 7.94
CA CYS A 125 -5.50 22.41 9.27
C CYS A 125 -6.08 21.36 10.17
N LEU A 126 -7.39 21.26 10.24
CA LEU A 126 -8.03 20.31 11.11
C LEU A 126 -7.67 18.88 10.71
N LYS A 127 -7.59 18.64 9.40
CA LYS A 127 -7.27 17.29 8.93
C LYS A 127 -5.85 16.95 9.30
N ILE A 128 -4.95 17.91 9.10
CA ILE A 128 -3.55 17.72 9.46
C ILE A 128 -3.41 17.44 10.95
N ASN A 129 -4.15 18.21 11.74
CA ASN A 129 -4.08 18.13 13.18
C ASN A 129 -4.50 16.73 13.63
N VAL A 130 -5.58 16.21 13.06
CA VAL A 130 -6.02 14.87 13.39
C VAL A 130 -4.97 13.81 13.03
N LYS A 131 -4.41 13.92 11.81
CA LYS A 131 -3.47 12.95 11.29
C LYS A 131 -2.21 12.95 12.14
N LEU A 132 -1.65 14.12 12.45
CA LEU A 132 -0.39 14.18 13.19
C LEU A 132 -0.64 14.07 14.69
N GLY A 133 -1.82 14.47 15.15
CA GLY A 133 -2.19 14.32 16.54
C GLY A 133 -2.60 12.90 16.87
N LYS B 1 10.81 -0.81 32.56
CA LYS B 1 11.60 -1.07 33.75
C LYS B 1 11.36 -2.51 34.21
N GLN B 2 10.15 -2.76 34.73
CA GLN B 2 9.82 -3.97 35.46
C GLN B 2 9.52 -5.12 34.49
N PHE B 3 10.60 -5.77 34.01
CA PHE B 3 10.55 -7.03 33.30
C PHE B 3 9.87 -8.12 34.12
N HIS B 4 8.97 -8.87 33.49
CA HIS B 4 8.21 -9.94 34.10
C HIS B 4 8.82 -11.29 33.75
N THR B 5 9.11 -12.09 34.77
CA THR B 5 9.65 -13.43 34.57
C THR B 5 8.48 -14.38 34.42
N GLY B 6 8.75 -15.52 33.81
CA GLY B 6 7.78 -16.61 33.89
C GLY B 6 6.68 -16.53 32.84
N ILE B 7 6.77 -15.60 31.88
CA ILE B 7 5.80 -15.57 30.79
C ILE B 7 6.22 -16.53 29.70
N GLU B 8 5.24 -17.26 29.12
CA GLU B 8 5.51 -18.07 27.94
C GLU B 8 4.49 -17.71 26.88
N ILE B 9 4.95 -17.48 25.66
CA ILE B 9 4.06 -17.02 24.61
C ILE B 9 3.80 -18.19 23.69
N LYS B 10 2.63 -18.80 23.85
CA LYS B 10 2.29 -20.03 23.18
C LYS B 10 1.45 -19.78 21.93
N VAL B 11 0.57 -18.78 21.97
CA VAL B 11 -0.32 -18.53 20.84
C VAL B 11 -0.14 -17.07 20.43
N TRP B 12 0.45 -16.87 19.25
CA TRP B 12 0.68 -15.51 18.77
C TRP B 12 0.60 -15.48 17.25
N ALA B 13 0.32 -14.28 16.75
CA ALA B 13 0.13 -14.07 15.32
C ALA B 13 0.92 -12.87 14.82
N ILE B 14 1.19 -12.92 13.51
CA ILE B 14 1.80 -11.79 12.82
C ILE B 14 0.86 -11.31 11.73
N ALA B 15 0.60 -10.02 11.75
CA ALA B 15 -0.18 -9.37 10.71
C ALA B 15 0.75 -8.34 10.08
N CYS B 16 1.11 -8.52 8.81
CA CYS B 16 2.01 -7.62 8.12
C CYS B 16 1.30 -6.67 7.19
N PHE B 17 1.22 -5.38 7.60
CA PHE B 17 0.63 -4.36 6.77
C PHE B 17 1.63 -3.67 5.85
N ALA B 18 2.90 -4.03 5.93
CA ALA B 18 3.87 -3.56 4.97
C ALA B 18 3.75 -4.43 3.72
N PRO B 19 4.04 -3.92 2.52
CA PRO B 19 3.90 -4.74 1.31
C PRO B 19 4.90 -5.91 1.30
N GLN B 20 4.46 -7.03 0.77
CA GLN B 20 5.31 -8.19 0.64
C GLN B 20 6.60 -7.90 -0.13
N ARG B 21 6.52 -7.03 -1.14
CA ARG B 21 7.68 -6.69 -1.94
C ARG B 21 8.77 -6.06 -1.08
N GLN B 22 8.38 -5.41 0.01
CA GLN B 22 9.36 -4.79 0.87
C GLN B 22 9.71 -5.65 2.05
N CYS B 23 8.73 -6.37 2.55
CA CYS B 23 8.92 -7.18 3.73
C CYS B 23 8.55 -8.63 3.40
N THR B 24 9.52 -9.37 2.85
CA THR B 24 9.25 -10.64 2.23
C THR B 24 9.15 -11.74 3.27
N GLU B 25 8.71 -12.90 2.80
CA GLU B 25 8.65 -14.10 3.63
C GLU B 25 9.96 -14.42 4.36
N VAL B 26 11.11 -14.28 3.67
CA VAL B 26 12.35 -14.62 4.34
C VAL B 26 12.66 -13.61 5.44
N HIS B 27 12.29 -12.32 5.21
CA HIS B 27 12.49 -11.29 6.21
C HIS B 27 11.66 -11.60 7.45
N LEU B 28 10.42 -12.03 7.23
CA LEU B 28 9.53 -12.38 8.32
C LEU B 28 9.93 -13.59 9.14
N LYS B 29 10.36 -14.64 8.43
CA LYS B 29 10.84 -15.85 9.09
C LYS B 29 12.15 -15.65 9.84
N SER B 30 13.01 -14.82 9.28
CA SER B 30 14.27 -14.52 9.92
C SER B 30 14.03 -13.72 11.19
N PHE B 31 13.21 -12.68 11.05
CA PHE B 31 12.79 -11.85 12.17
C PHE B 31 12.16 -12.67 13.29
N THR B 32 11.23 -13.57 12.94
CA THR B 32 10.58 -14.43 13.91
C THR B 32 11.61 -15.25 14.69
N GLU B 33 12.54 -15.89 13.99
CA GLU B 33 13.50 -16.76 14.64
C GLU B 33 14.43 -15.97 15.55
N GLN B 34 14.85 -14.78 15.10
CA GLN B 34 15.69 -13.93 15.94
C GLN B 34 14.98 -13.43 17.20
N LEU B 35 13.70 -13.12 17.05
CA LEU B 35 12.88 -12.69 18.14
C LEU B 35 12.70 -13.82 19.16
N ARG B 36 12.51 -15.04 18.67
CA ARG B 36 12.36 -16.20 19.53
C ARG B 36 13.63 -16.44 20.34
N LYS B 37 14.78 -16.26 19.72
CA LYS B 37 16.03 -16.56 20.35
C LYS B 37 16.26 -15.60 21.50
N ILE B 38 16.18 -14.30 21.21
CA ILE B 38 16.42 -13.32 22.27
C ILE B 38 15.36 -13.44 23.39
N SER B 39 14.10 -13.64 23.02
CA SER B 39 13.06 -13.72 24.03
C SER B 39 13.30 -14.95 24.92
N ARG B 40 13.80 -16.04 24.35
CA ARG B 40 14.14 -17.23 25.13
C ARG B 40 15.28 -16.93 26.10
N ASP B 41 16.34 -16.28 25.63
CA ASP B 41 17.46 -15.94 26.49
C ASP B 41 17.05 -15.03 27.64
N ALA B 42 16.07 -14.17 27.41
CA ALA B 42 15.58 -13.28 28.45
C ALA B 42 14.52 -13.91 29.35
N GLY B 43 14.21 -15.19 29.14
CA GLY B 43 13.25 -15.88 29.98
C GLY B 43 11.80 -15.52 29.73
N MET B 44 11.46 -15.10 28.50
CA MET B 44 10.08 -15.03 28.06
C MET B 44 9.92 -15.83 26.75
N PRO B 45 10.04 -17.16 26.79
CA PRO B 45 10.17 -17.92 25.55
C PRO B 45 8.92 -17.87 24.67
N ILE B 46 9.14 -17.61 23.37
CA ILE B 46 8.10 -17.76 22.37
C ILE B 46 8.09 -19.21 21.91
N GLN B 47 7.10 -19.96 22.39
CA GLN B 47 7.16 -21.41 22.39
C GLN B 47 7.10 -22.02 20.98
N GLY B 48 6.61 -21.24 20.00
CA GLY B 48 6.29 -21.82 18.71
C GLY B 48 6.40 -20.86 17.54
N GLN B 49 6.04 -21.36 16.35
CA GLN B 49 5.78 -20.54 15.19
C GLN B 49 4.46 -19.82 15.42
N PRO B 50 4.22 -18.65 14.79
CA PRO B 50 2.94 -17.99 14.97
C PRO B 50 1.86 -18.91 14.41
N CYS B 51 0.68 -18.85 15.01
CA CYS B 51 -0.47 -19.61 14.55
C CYS B 51 -1.06 -19.02 13.27
N PHE B 52 -0.64 -17.79 12.94
CA PHE B 52 -1.20 -17.07 11.82
C PHE B 52 -0.19 -16.01 11.41
N CYS B 53 -0.02 -15.86 10.09
CA CYS B 53 0.96 -14.92 9.55
C CYS B 53 0.45 -14.51 8.18
N LYS B 54 -0.09 -13.30 8.07
CA LYS B 54 -0.67 -12.88 6.80
C LYS B 54 -0.29 -11.45 6.52
N TYR B 55 -0.26 -11.14 5.21
CA TYR B 55 -0.17 -9.78 4.73
C TYR B 55 -1.57 -9.21 4.65
N ALA B 56 -1.72 -7.91 4.87
CA ALA B 56 -2.96 -7.19 4.65
C ALA B 56 -2.62 -5.75 4.30
N GLN B 57 -3.60 -5.01 3.78
CA GLN B 57 -3.38 -3.65 3.32
C GLN B 57 -4.58 -2.81 3.72
N GLY B 58 -4.33 -1.64 4.32
CA GLY B 58 -5.39 -0.69 4.61
C GLY B 58 -5.97 -0.78 6.02
N ALA B 59 -6.27 0.39 6.60
CA ALA B 59 -6.93 0.45 7.89
C ALA B 59 -8.22 -0.35 7.94
N ASP B 60 -8.94 -0.41 6.81
CA ASP B 60 -10.19 -1.15 6.74
C ASP B 60 -10.04 -2.66 6.90
N SER B 61 -8.83 -3.21 6.72
CA SER B 61 -8.58 -4.61 7.01
C SER B 61 -8.43 -5.02 8.50
N VAL B 62 -8.18 -4.03 9.37
CA VAL B 62 -7.76 -4.30 10.74
C VAL B 62 -8.81 -5.06 11.55
N GLU B 63 -10.01 -4.46 11.64
CA GLU B 63 -11.07 -5.00 12.46
C GLU B 63 -11.48 -6.40 12.00
N PRO B 64 -11.76 -6.62 10.70
CA PRO B 64 -12.04 -7.97 10.21
C PRO B 64 -10.98 -9.02 10.53
N MET B 65 -9.72 -8.65 10.34
CA MET B 65 -8.62 -9.56 10.60
C MET B 65 -8.54 -9.91 12.09
N PHE B 66 -8.63 -8.89 12.94
CA PHE B 66 -8.58 -9.13 14.36
C PHE B 66 -9.77 -9.95 14.90
N ARG B 67 -10.99 -9.65 14.43
CA ARG B 67 -12.12 -10.52 14.71
C ARG B 67 -11.87 -11.97 14.32
N HIS B 68 -11.34 -12.19 13.10
CA HIS B 68 -10.97 -13.53 12.64
C HIS B 68 -10.03 -14.19 13.64
N LEU B 69 -8.96 -13.47 14.01
CA LEU B 69 -7.96 -13.99 14.94
C LEU B 69 -8.57 -14.42 16.26
N LYS B 70 -9.36 -13.50 16.83
CA LYS B 70 -9.96 -13.72 18.13
C LYS B 70 -10.87 -14.95 18.09
N ASN B 71 -11.62 -15.08 17.00
CA ASN B 71 -12.63 -16.12 16.87
C ASN B 71 -12.05 -17.48 16.50
N THR B 72 -10.83 -17.49 15.94
CA THR B 72 -10.25 -18.72 15.43
C THR B 72 -9.20 -19.36 16.34
N TYR B 73 -8.40 -18.53 17.04
CA TYR B 73 -7.28 -19.01 17.81
C TYR B 73 -7.49 -18.81 19.31
N ALA B 74 -7.98 -19.86 19.98
CA ALA B 74 -8.33 -19.77 21.39
C ALA B 74 -7.07 -19.45 22.17
N GLY B 75 -7.18 -18.56 23.15
CA GLY B 75 -6.02 -18.17 23.95
C GLY B 75 -4.94 -17.38 23.23
N LEU B 76 -5.31 -16.75 22.11
CA LEU B 76 -4.37 -15.87 21.41
C LEU B 76 -3.86 -14.82 22.39
N GLN B 77 -2.55 -14.72 22.56
CA GLN B 77 -1.94 -13.84 23.57
C GLN B 77 -1.39 -12.52 23.01
N LEU B 78 -0.95 -12.56 21.76
CA LEU B 78 -0.23 -11.45 21.18
C LEU B 78 -0.41 -11.38 19.67
N VAL B 79 -0.66 -10.18 19.13
CA VAL B 79 -0.52 -9.92 17.71
C VAL B 79 0.62 -8.93 17.47
N VAL B 80 1.63 -9.36 16.70
CA VAL B 80 2.73 -8.52 16.28
C VAL B 80 2.32 -7.93 14.93
N VAL B 81 2.27 -6.60 14.84
CA VAL B 81 1.73 -5.92 13.67
C VAL B 81 2.88 -5.15 13.01
N ILE B 82 3.20 -5.49 11.76
CA ILE B 82 4.32 -4.86 11.06
C ILE B 82 3.74 -3.72 10.24
N LEU B 83 4.26 -2.52 10.42
CA LEU B 83 3.74 -1.33 9.80
C LEU B 83 4.86 -0.63 9.07
N PRO B 84 4.58 0.03 7.90
CA PRO B 84 5.62 0.71 7.14
C PRO B 84 6.07 2.03 7.76
N GLY B 85 5.34 2.55 8.72
CA GLY B 85 5.78 3.75 9.43
C GLY B 85 4.53 4.45 9.90
N LYS B 86 4.52 5.80 9.82
CA LYS B 86 3.33 6.61 10.06
C LYS B 86 2.23 6.16 9.10
N THR B 87 1.04 5.90 9.67
CA THR B 87 -0.03 5.38 8.84
C THR B 87 -1.32 5.43 9.66
N PRO B 88 -2.46 5.73 9.01
CA PRO B 88 -3.75 5.60 9.66
C PRO B 88 -4.02 4.16 10.10
N VAL B 89 -3.21 3.20 9.65
CA VAL B 89 -3.34 1.84 10.16
C VAL B 89 -2.92 1.77 11.63
N TYR B 90 -1.91 2.54 12.03
CA TYR B 90 -1.46 2.54 13.41
C TYR B 90 -2.62 2.93 14.34
N ALA B 91 -3.27 4.05 14.05
CA ALA B 91 -4.40 4.49 14.85
C ALA B 91 -5.49 3.43 14.91
N GLU B 92 -5.76 2.80 13.77
CA GLU B 92 -6.83 1.82 13.73
C GLU B 92 -6.44 0.57 14.51
N VAL B 93 -5.16 0.18 14.43
CA VAL B 93 -4.69 -0.97 15.17
C VAL B 93 -4.90 -0.78 16.66
N LYS B 94 -4.57 0.42 17.16
CA LYS B 94 -4.69 0.72 18.58
C LYS B 94 -6.15 0.72 19.02
N ARG B 95 -7.01 1.35 18.20
CA ARG B 95 -8.43 1.38 18.48
C ARG B 95 -9.00 -0.04 18.55
N VAL B 96 -8.70 -0.88 17.57
CA VAL B 96 -9.33 -2.18 17.51
C VAL B 96 -8.79 -3.12 18.60
N GLY B 97 -7.48 -3.12 18.78
CA GLY B 97 -6.84 -4.03 19.73
C GLY B 97 -7.16 -3.68 21.18
N ASP B 98 -7.07 -2.38 21.51
CA ASP B 98 -7.20 -1.89 22.88
C ASP B 98 -8.63 -1.62 23.29
N THR B 99 -9.50 -1.29 22.33
CA THR B 99 -10.85 -0.86 22.67
C THR B 99 -11.96 -1.74 22.12
N VAL B 100 -11.77 -2.33 20.95
CA VAL B 100 -12.85 -3.11 20.35
C VAL B 100 -12.77 -4.55 20.82
N LEU B 101 -11.58 -5.17 20.74
CA LEU B 101 -11.46 -6.60 20.95
C LEU B 101 -10.82 -7.02 22.28
N GLY B 102 -9.91 -6.19 22.80
CA GLY B 102 -9.08 -6.59 23.94
C GLY B 102 -8.15 -7.77 23.68
N MET B 103 -7.17 -7.56 22.80
CA MET B 103 -6.04 -8.46 22.62
C MET B 103 -4.77 -7.61 22.63
N ALA B 104 -3.68 -8.13 23.23
CA ALA B 104 -2.40 -7.43 23.27
C ALA B 104 -1.81 -7.35 21.86
N THR B 105 -1.50 -6.12 21.40
CA THR B 105 -0.90 -5.92 20.09
C THR B 105 0.36 -5.09 20.28
N GLN B 106 1.35 -5.43 19.47
CA GLN B 106 2.62 -4.72 19.52
C GLN B 106 2.97 -4.42 18.06
N CYS B 107 3.10 -3.13 17.77
CA CYS B 107 3.50 -2.69 16.44
C CYS B 107 5.01 -2.64 16.32
N VAL B 108 5.52 -2.95 15.13
CA VAL B 108 6.92 -2.82 14.83
C VAL B 108 7.06 -2.23 13.43
N GLN B 109 8.07 -1.38 13.28
CA GLN B 109 8.35 -0.76 11.98
C GLN B 109 9.05 -1.73 11.05
N MET B 110 8.60 -1.68 9.79
CA MET B 110 9.06 -2.59 8.76
C MET B 110 10.59 -2.60 8.67
N LYS B 111 11.23 -1.45 8.85
CA LYS B 111 12.67 -1.39 8.68
C LYS B 111 13.39 -2.25 9.73
N ASN B 112 12.76 -2.45 10.89
CA ASN B 112 13.35 -3.32 11.91
C ASN B 112 13.01 -4.79 11.71
N VAL B 113 12.16 -5.10 10.71
CA VAL B 113 11.92 -6.47 10.35
C VAL B 113 12.86 -6.84 9.19
N GLN B 114 13.08 -5.89 8.29
CA GLN B 114 13.92 -6.13 7.14
C GLN B 114 15.34 -6.42 7.56
N ARG B 115 15.84 -5.66 8.55
CA ARG B 115 17.21 -5.85 9.04
C ARG B 115 17.16 -5.70 10.56
N THR B 116 17.43 -6.76 11.33
CA THR B 116 17.28 -6.70 12.77
C THR B 116 18.61 -6.26 13.35
N THR B 117 18.62 -5.66 14.55
CA THR B 117 19.78 -5.60 15.39
C THR B 117 19.42 -6.12 16.77
N PRO B 118 20.39 -6.52 17.61
CA PRO B 118 20.08 -6.89 19.00
C PRO B 118 19.32 -5.80 19.74
N GLN B 119 19.66 -4.53 19.49
CA GLN B 119 19.06 -3.41 20.19
C GLN B 119 17.58 -3.29 19.85
N THR B 120 17.21 -3.45 18.57
CA THR B 120 15.80 -3.30 18.22
C THR B 120 14.99 -4.55 18.61
N LEU B 121 15.61 -5.73 18.51
CA LEU B 121 14.92 -6.92 19.06
C LEU B 121 14.65 -6.84 20.56
N SER B 122 15.67 -6.35 21.29
CA SER B 122 15.53 -6.07 22.71
C SER B 122 14.41 -5.09 23.02
N ASN B 123 14.36 -3.97 22.26
CA ASN B 123 13.26 -3.03 22.43
C ASN B 123 11.91 -3.72 22.34
N LEU B 124 11.77 -4.54 21.29
CA LEU B 124 10.49 -5.17 21.04
C LEU B 124 10.16 -6.17 22.13
N CYS B 125 11.15 -6.97 22.55
CA CYS B 125 10.93 -7.84 23.71
C CYS B 125 10.41 -7.19 24.95
N LEU B 126 11.00 -6.04 25.30
CA LEU B 126 10.60 -5.38 26.50
C LEU B 126 9.14 -4.95 26.39
N LYS B 127 8.77 -4.45 25.21
CA LYS B 127 7.41 -3.97 25.03
C LYS B 127 6.40 -5.13 25.09
N ILE B 128 6.77 -6.25 24.46
CA ILE B 128 5.92 -7.43 24.52
C ILE B 128 5.73 -7.89 25.97
N ASN B 129 6.86 -7.95 26.67
CA ASN B 129 6.89 -8.39 28.04
C ASN B 129 5.96 -7.55 28.91
N VAL B 130 6.05 -6.22 28.76
CA VAL B 130 5.22 -5.33 29.55
C VAL B 130 3.72 -5.57 29.31
N LYS B 131 3.36 -5.72 28.03
CA LYS B 131 1.97 -5.85 27.67
C LYS B 131 1.43 -7.17 28.21
N LEU B 132 2.24 -8.24 28.21
CA LEU B 132 1.72 -9.55 28.60
C LEU B 132 1.66 -9.78 30.10
N GLY B 133 2.58 -9.22 30.86
CA GLY B 133 2.53 -9.38 32.29
C GLY B 133 1.32 -8.62 32.81
N GLY B 134 0.66 -9.13 33.85
CA GLY B 134 -0.48 -8.44 34.42
C GLY B 134 -1.69 -9.30 34.81
N VAL B 135 -2.68 -8.63 35.42
CA VAL B 135 -3.90 -9.23 35.91
C VAL B 135 -5.01 -8.58 35.13
N LYS C 1 2.36 -21.34 -2.13
CA LYS C 1 1.24 -21.03 -3.01
C LYS C 1 -0.03 -21.75 -2.58
N GLN C 2 -0.51 -21.47 -1.34
CA GLN C 2 -1.88 -21.76 -0.97
C GLN C 2 -2.79 -20.76 -1.68
N PHE C 3 -3.85 -21.29 -2.29
CA PHE C 3 -4.81 -20.50 -3.03
C PHE C 3 -5.57 -19.55 -2.11
N HIS C 4 -5.74 -18.30 -2.54
CA HIS C 4 -6.45 -17.27 -1.78
C HIS C 4 -7.92 -17.17 -2.16
N THR C 5 -8.80 -17.17 -1.15
CA THR C 5 -10.24 -17.14 -1.36
C THR C 5 -10.89 -15.76 -1.42
N GLY C 6 -10.20 -14.73 -0.94
CA GLY C 6 -10.83 -13.44 -0.78
C GLY C 6 -10.71 -12.47 -1.97
N ILE C 7 -10.17 -12.91 -3.11
CA ILE C 7 -9.84 -11.98 -4.19
C ILE C 7 -11.03 -11.63 -5.07
N GLU C 8 -11.18 -10.33 -5.41
CA GLU C 8 -12.12 -9.87 -6.40
C GLU C 8 -11.38 -8.94 -7.36
N ILE C 9 -11.53 -9.16 -8.66
CA ILE C 9 -10.83 -8.32 -9.63
C ILE C 9 -11.86 -7.43 -10.27
N LYS C 10 -11.82 -6.16 -9.87
CA LYS C 10 -12.80 -5.19 -10.32
C LYS C 10 -12.31 -4.32 -11.46
N VAL C 11 -11.02 -3.99 -11.47
CA VAL C 11 -10.50 -3.12 -12.52
C VAL C 11 -9.30 -3.81 -13.17
N TRP C 12 -9.49 -4.15 -14.45
CA TRP C 12 -8.44 -4.82 -15.19
C TRP C 12 -8.46 -4.46 -16.67
N ALA C 13 -7.33 -4.67 -17.34
CA ALA C 13 -7.12 -4.30 -18.73
C ALA C 13 -6.46 -5.41 -19.53
N ILE C 14 -6.71 -5.36 -20.84
CA ILE C 14 -6.06 -6.28 -21.78
C ILE C 14 -5.26 -5.48 -22.79
N ALA C 15 -4.01 -5.89 -23.01
CA ALA C 15 -3.17 -5.28 -24.02
C ALA C 15 -2.78 -6.44 -24.96
N CYS C 16 -3.17 -6.36 -26.22
CA CYS C 16 -2.88 -7.40 -27.19
C CYS C 16 -1.76 -7.04 -28.15
N PHE C 17 -0.59 -7.68 -27.96
CA PHE C 17 0.55 -7.44 -28.78
C PHE C 17 0.61 -8.45 -29.93
N ALA C 18 -0.34 -9.40 -29.97
CA ALA C 18 -0.45 -10.25 -31.13
C ALA C 18 -1.19 -9.45 -32.21
N PRO C 19 -0.95 -9.74 -33.50
CA PRO C 19 -1.66 -9.08 -34.59
C PRO C 19 -3.15 -9.41 -34.54
N GLN C 20 -3.95 -8.39 -34.83
CA GLN C 20 -5.38 -8.49 -34.88
C GLN C 20 -5.83 -9.56 -35.87
N ARG C 21 -5.08 -9.71 -36.97
CA ARG C 21 -5.46 -10.65 -38.00
C ARG C 21 -5.40 -12.08 -37.46
N GLN C 22 -4.60 -12.31 -36.43
CA GLN C 22 -4.52 -13.63 -35.82
C GLN C 22 -5.37 -13.76 -34.56
N CYS C 23 -5.50 -12.66 -33.86
CA CYS C 23 -6.16 -12.66 -32.58
C CYS C 23 -7.21 -11.55 -32.60
N THR C 24 -8.40 -11.89 -33.11
CA THR C 24 -9.39 -10.87 -33.43
C THR C 24 -10.16 -10.45 -32.18
N GLU C 25 -10.97 -9.41 -32.31
CA GLU C 25 -11.79 -8.96 -31.19
C GLU C 25 -12.71 -10.06 -30.65
N VAL C 26 -13.30 -10.89 -31.53
CA VAL C 26 -14.16 -11.94 -31.04
C VAL C 26 -13.34 -12.98 -30.25
N HIS C 27 -12.10 -13.24 -30.67
CA HIS C 27 -11.22 -14.16 -29.95
C HIS C 27 -10.93 -13.64 -28.56
N LEU C 28 -10.67 -12.34 -28.47
CA LEU C 28 -10.41 -11.68 -27.20
C LEU C 28 -11.61 -11.65 -26.25
N LYS C 29 -12.79 -11.30 -26.76
CA LYS C 29 -13.99 -11.31 -25.96
C LYS C 29 -14.43 -12.70 -25.53
N SER C 30 -14.22 -13.69 -26.41
CA SER C 30 -14.52 -15.06 -26.06
C SER C 30 -13.62 -15.50 -24.90
N PHE C 31 -12.32 -15.27 -25.08
CA PHE C 31 -11.31 -15.52 -24.08
C PHE C 31 -11.62 -14.88 -22.71
N THR C 32 -11.99 -13.59 -22.74
CA THR C 32 -12.38 -12.84 -21.58
C THR C 32 -13.50 -13.53 -20.82
N GLU C 33 -14.57 -13.91 -21.54
CA GLU C 33 -15.74 -14.47 -20.90
C GLU C 33 -15.45 -15.82 -20.29
N GLN C 34 -14.65 -16.64 -20.98
CA GLN C 34 -14.28 -17.93 -20.42
C GLN C 34 -13.38 -17.82 -19.18
N LEU C 35 -12.50 -16.82 -19.19
CA LEU C 35 -11.64 -16.54 -18.07
C LEU C 35 -12.47 -16.09 -16.86
N ARG C 36 -13.49 -15.26 -17.10
CA ARG C 36 -14.39 -14.81 -16.05
C ARG C 36 -15.13 -15.96 -15.42
N LYS C 37 -15.55 -16.92 -16.24
CA LYS C 37 -16.34 -18.04 -15.75
C LYS C 37 -15.50 -18.91 -14.80
N ILE C 38 -14.32 -19.28 -15.22
CA ILE C 38 -13.47 -20.12 -14.40
C ILE C 38 -13.04 -19.39 -13.12
N SER C 39 -12.75 -18.10 -13.22
CA SER C 39 -12.36 -17.33 -12.07
C SER C 39 -13.50 -17.30 -11.04
N ARG C 40 -14.74 -17.22 -11.53
CA ARG C 40 -15.91 -17.30 -10.68
C ARG C 40 -16.02 -18.65 -9.99
N ASP C 41 -15.88 -19.75 -10.74
CA ASP C 41 -15.96 -21.06 -10.12
C ASP C 41 -14.95 -21.22 -8.97
N ALA C 42 -13.76 -20.65 -9.21
CA ALA C 42 -12.67 -20.80 -8.26
C ALA C 42 -12.76 -19.82 -7.09
N GLY C 43 -13.77 -18.94 -7.08
CA GLY C 43 -13.97 -17.98 -6.00
C GLY C 43 -12.95 -16.85 -6.00
N MET C 44 -12.41 -16.50 -7.16
CA MET C 44 -11.68 -15.26 -7.35
C MET C 44 -12.31 -14.49 -8.51
N PRO C 45 -13.56 -13.99 -8.36
CA PRO C 45 -14.28 -13.51 -9.54
C PRO C 45 -13.61 -12.31 -10.20
N ILE C 46 -13.45 -12.39 -11.53
CA ILE C 46 -13.20 -11.22 -12.36
C ILE C 46 -14.55 -10.62 -12.69
N GLN C 47 -14.84 -9.50 -12.02
CA GLN C 47 -16.05 -8.76 -12.29
C GLN C 47 -15.77 -7.87 -13.50
N GLY C 48 -16.77 -7.80 -14.37
CA GLY C 48 -16.83 -6.80 -15.40
C GLY C 48 -15.97 -7.06 -16.63
N GLN C 49 -16.23 -6.24 -17.65
CA GLN C 49 -15.42 -6.22 -18.85
C GLN C 49 -14.15 -5.46 -18.47
N PRO C 50 -13.04 -5.64 -19.19
CA PRO C 50 -11.85 -4.87 -18.92
C PRO C 50 -12.19 -3.41 -19.19
N CYS C 51 -11.54 -2.53 -18.43
CA CYS C 51 -11.73 -1.09 -18.57
C CYS C 51 -10.97 -0.60 -19.78
N PHE C 52 -10.09 -1.44 -20.35
CA PHE C 52 -9.30 -1.08 -21.51
C PHE C 52 -8.91 -2.36 -22.25
N CYS C 53 -8.92 -2.30 -23.60
CA CYS C 53 -8.58 -3.45 -24.43
C CYS C 53 -8.09 -2.93 -25.75
N LYS C 54 -6.78 -2.97 -25.96
CA LYS C 54 -6.26 -2.43 -27.21
C LYS C 54 -5.18 -3.32 -27.78
N TYR C 55 -4.99 -3.15 -29.08
CA TYR C 55 -3.86 -3.73 -29.78
C TYR C 55 -2.70 -2.79 -29.68
N ALA C 56 -1.49 -3.35 -29.72
CA ALA C 56 -0.30 -2.56 -29.71
C ALA C 56 0.80 -3.39 -30.37
N GLN C 57 1.84 -2.68 -30.78
CA GLN C 57 2.93 -3.28 -31.50
C GLN C 57 4.24 -2.74 -30.95
N GLY C 58 5.18 -3.65 -30.66
CA GLY C 58 6.51 -3.27 -30.23
C GLY C 58 6.69 -3.28 -28.72
N ALA C 59 7.79 -3.90 -28.25
CA ALA C 59 8.19 -3.83 -26.87
C ALA C 59 8.28 -2.40 -26.35
N ASP C 60 8.66 -1.45 -27.19
CA ASP C 60 8.77 -0.07 -26.74
C ASP C 60 7.43 0.59 -26.40
N SER C 61 6.31 0.02 -26.84
CA SER C 61 4.98 0.45 -26.42
C SER C 61 4.57 0.08 -24.99
N VAL C 62 5.27 -0.87 -24.34
CA VAL C 62 4.82 -1.42 -23.08
C VAL C 62 4.79 -0.37 -21.96
N GLU C 63 5.93 0.28 -21.72
CA GLU C 63 6.04 1.25 -20.66
C GLU C 63 5.04 2.40 -20.83
N PRO C 64 4.97 3.06 -21.99
CA PRO C 64 3.95 4.10 -22.22
C PRO C 64 2.51 3.66 -21.98
N MET C 65 2.18 2.47 -22.46
CA MET C 65 0.85 1.95 -22.32
C MET C 65 0.55 1.65 -20.85
N PHE C 66 1.47 1.02 -20.15
CA PHE C 66 1.25 0.77 -18.74
C PHE C 66 1.17 2.03 -17.88
N ARG C 67 2.07 2.99 -18.10
CA ARG C 67 1.93 4.29 -17.46
C ARG C 67 0.57 4.91 -17.76
N HIS C 68 0.13 4.87 -19.03
CA HIS C 68 -1.20 5.35 -19.40
C HIS C 68 -2.28 4.65 -18.56
N LEU C 69 -2.21 3.32 -18.48
CA LEU C 69 -3.18 2.55 -17.70
C LEU C 69 -3.21 2.99 -16.23
N LYS C 70 -2.03 3.08 -15.62
CA LYS C 70 -1.92 3.46 -14.22
C LYS C 70 -2.46 4.86 -13.97
N ASN C 71 -2.23 5.75 -14.93
CA ASN C 71 -2.58 7.16 -14.82
C ASN C 71 -4.04 7.41 -15.16
N THR C 72 -4.71 6.46 -15.82
CA THR C 72 -6.08 6.66 -16.28
C THR C 72 -7.11 5.93 -15.44
N TYR C 73 -6.80 4.72 -14.96
CA TYR C 73 -7.77 3.83 -14.33
C TYR C 73 -7.49 3.63 -12.86
N ALA C 74 -8.26 4.34 -12.04
CA ALA C 74 -8.05 4.36 -10.61
C ALA C 74 -8.22 2.95 -10.11
N GLY C 75 -7.29 2.50 -9.25
CA GLY C 75 -7.42 1.20 -8.66
C GLY C 75 -7.18 0.01 -9.58
N LEU C 76 -6.54 0.28 -10.74
CA LEU C 76 -6.29 -0.77 -11.70
C LEU C 76 -5.50 -1.88 -11.01
N GLN C 77 -6.01 -3.11 -11.05
CA GLN C 77 -5.40 -4.22 -10.34
C GLN C 77 -4.54 -5.16 -11.19
N LEU C 78 -4.88 -5.29 -12.47
CA LEU C 78 -4.32 -6.35 -13.30
C LEU C 78 -4.32 -5.94 -14.78
N VAL C 79 -3.20 -6.19 -15.45
CA VAL C 79 -3.11 -6.16 -16.91
C VAL C 79 -2.74 -7.55 -17.49
N VAL C 80 -3.62 -8.06 -18.34
CA VAL C 80 -3.44 -9.30 -19.09
C VAL C 80 -2.83 -8.92 -20.42
N VAL C 81 -1.67 -9.49 -20.75
CA VAL C 81 -0.92 -9.13 -21.94
C VAL C 81 -0.87 -10.34 -22.87
N ILE C 82 -1.39 -10.18 -24.08
CA ILE C 82 -1.36 -11.27 -25.06
C ILE C 82 -0.15 -11.11 -25.96
N LEU C 83 0.62 -12.18 -26.07
CA LEU C 83 1.89 -12.17 -26.74
C LEU C 83 1.85 -13.01 -28.01
N PRO C 84 2.51 -12.56 -29.10
CA PRO C 84 2.66 -13.38 -30.30
C PRO C 84 3.87 -14.31 -30.28
N GLY C 85 3.90 -15.29 -29.38
CA GLY C 85 5.03 -16.19 -29.29
C GLY C 85 6.19 -15.52 -28.56
N LYS C 86 7.39 -15.99 -28.87
CA LYS C 86 8.63 -15.48 -28.28
C LYS C 86 8.83 -14.06 -28.77
N THR C 87 9.11 -13.14 -27.85
CA THR C 87 9.15 -11.73 -28.19
C THR C 87 9.90 -10.88 -27.17
N PRO C 88 10.62 -9.84 -27.63
CA PRO C 88 11.19 -8.85 -26.70
C PRO C 88 10.10 -8.17 -25.86
N VAL C 89 8.83 -8.34 -26.26
CA VAL C 89 7.72 -7.72 -25.53
C VAL C 89 7.58 -8.29 -24.12
N TYR C 90 7.73 -9.60 -24.00
CA TYR C 90 7.62 -10.27 -22.73
C TYR C 90 8.61 -9.65 -21.73
N ALA C 91 9.88 -9.54 -22.09
CA ALA C 91 10.87 -8.97 -21.19
C ALA C 91 10.47 -7.55 -20.75
N GLU C 92 9.96 -6.76 -21.68
CA GLU C 92 9.61 -5.40 -21.37
C GLU C 92 8.41 -5.36 -20.41
N VAL C 93 7.45 -6.29 -20.61
CA VAL C 93 6.32 -6.39 -19.71
C VAL C 93 6.76 -6.64 -18.28
N LYS C 94 7.68 -7.59 -18.12
CA LYS C 94 8.08 -8.08 -16.82
C LYS C 94 8.77 -7.00 -15.98
N ARG C 95 9.69 -6.27 -16.61
CA ARG C 95 10.41 -5.27 -15.87
C ARG C 95 9.46 -4.13 -15.48
N VAL C 96 8.58 -3.70 -16.38
CA VAL C 96 7.71 -2.58 -16.08
C VAL C 96 6.67 -2.90 -15.01
N GLY C 97 6.03 -4.07 -15.13
CA GLY C 97 5.00 -4.44 -14.19
C GLY C 97 5.54 -4.78 -12.80
N ASP C 98 6.60 -5.61 -12.78
CA ASP C 98 7.11 -6.21 -11.54
C ASP C 98 8.11 -5.34 -10.80
N THR C 99 8.83 -4.48 -11.53
CA THR C 99 9.83 -3.64 -10.88
C THR C 99 9.60 -2.13 -11.01
N VAL C 100 8.82 -1.66 -12.00
CA VAL C 100 8.67 -0.22 -12.14
C VAL C 100 7.38 0.21 -11.45
N LEU C 101 6.25 -0.44 -11.76
CA LEU C 101 4.93 0.09 -11.42
C LEU C 101 4.17 -0.65 -10.31
N GLY C 102 4.57 -1.90 -10.07
CA GLY C 102 4.13 -2.65 -8.91
C GLY C 102 2.71 -3.13 -9.12
N MET C 103 2.37 -3.39 -10.40
CA MET C 103 1.00 -3.70 -10.79
C MET C 103 1.01 -5.14 -11.29
N ALA C 104 -0.06 -5.90 -11.01
CA ALA C 104 -0.05 -7.31 -11.41
C ALA C 104 -0.20 -7.41 -12.93
N THR C 105 0.73 -8.13 -13.59
CA THR C 105 0.65 -8.37 -15.01
C THR C 105 0.70 -9.88 -15.23
N GLN C 106 -0.10 -10.34 -16.18
CA GLN C 106 -0.09 -11.74 -16.54
C GLN C 106 -0.03 -11.87 -18.05
N CYS C 107 0.99 -12.54 -18.57
CA CYS C 107 1.12 -12.79 -19.99
C CYS C 107 0.44 -14.08 -20.39
N VAL C 108 -0.07 -14.11 -21.62
CA VAL C 108 -0.68 -15.29 -22.19
C VAL C 108 -0.26 -15.36 -23.66
N GLN C 109 -0.02 -16.57 -24.11
CA GLN C 109 0.40 -16.81 -25.50
C GLN C 109 -0.84 -16.73 -26.38
N MET C 110 -0.71 -16.05 -27.53
CA MET C 110 -1.78 -15.90 -28.48
C MET C 110 -2.50 -17.22 -28.81
N LYS C 111 -1.76 -18.31 -28.89
CA LYS C 111 -2.36 -19.57 -29.28
C LYS C 111 -3.38 -20.05 -28.26
N ASN C 112 -3.19 -19.65 -26.99
CA ASN C 112 -4.16 -19.99 -25.95
C ASN C 112 -5.34 -19.02 -25.87
N VAL C 113 -5.30 -17.95 -26.67
CA VAL C 113 -6.43 -17.06 -26.77
C VAL C 113 -7.25 -17.51 -27.99
N GLN C 114 -6.56 -17.92 -29.05
CA GLN C 114 -7.23 -18.29 -30.29
C GLN C 114 -8.14 -19.49 -30.07
N ARG C 115 -7.63 -20.46 -29.30
CA ARG C 115 -8.39 -21.65 -28.95
C ARG C 115 -8.14 -21.87 -27.46
N THR C 116 -9.06 -21.45 -26.61
CA THR C 116 -8.85 -21.49 -25.17
C THR C 116 -9.20 -22.88 -24.66
N THR C 117 -8.49 -23.36 -23.63
CA THR C 117 -8.85 -24.62 -23.00
C THR C 117 -9.03 -24.34 -21.50
N PRO C 118 -9.87 -25.11 -20.79
CA PRO C 118 -10.00 -24.92 -19.35
C PRO C 118 -8.64 -25.02 -18.62
N GLN C 119 -7.73 -25.86 -19.10
CA GLN C 119 -6.44 -26.06 -18.46
C GLN C 119 -5.58 -24.78 -18.51
N THR C 120 -5.57 -24.10 -19.66
CA THR C 120 -4.78 -22.87 -19.75
C THR C 120 -5.44 -21.72 -19.01
N LEU C 121 -6.78 -21.65 -19.02
CA LEU C 121 -7.47 -20.68 -18.21
C LEU C 121 -7.24 -20.86 -16.71
N SER C 122 -7.27 -22.12 -16.27
CA SER C 122 -6.89 -22.49 -14.92
C SER C 122 -5.47 -22.04 -14.58
N ASN C 123 -4.51 -22.33 -15.46
CA ASN C 123 -3.14 -21.90 -15.21
C ASN C 123 -3.07 -20.40 -14.96
N LEU C 124 -3.80 -19.64 -15.78
CA LEU C 124 -3.78 -18.19 -15.69
C LEU C 124 -4.42 -17.74 -14.39
N CYS C 125 -5.56 -18.34 -14.01
CA CYS C 125 -6.14 -18.04 -12.70
C CYS C 125 -5.22 -18.26 -11.52
N LEU C 126 -4.52 -19.38 -11.50
CA LEU C 126 -3.62 -19.68 -10.42
C LEU C 126 -2.50 -18.65 -10.33
N LYS C 127 -2.02 -18.22 -11.50
CA LYS C 127 -0.91 -17.28 -11.50
C LYS C 127 -1.40 -15.93 -11.01
N ILE C 128 -2.58 -15.52 -11.50
CA ILE C 128 -3.17 -14.25 -11.05
C ILE C 128 -3.45 -14.29 -9.56
N ASN C 129 -3.94 -15.42 -9.07
CA ASN C 129 -4.26 -15.60 -7.66
C ASN C 129 -3.02 -15.39 -6.80
N VAL C 130 -1.90 -15.96 -7.23
CA VAL C 130 -0.64 -15.75 -6.53
C VAL C 130 -0.22 -14.28 -6.53
N LYS C 131 -0.31 -13.63 -7.69
CA LYS C 131 0.15 -12.27 -7.89
C LYS C 131 -0.68 -11.31 -7.08
N LEU C 132 -2.00 -11.44 -7.18
CA LEU C 132 -2.92 -10.56 -6.48
C LEU C 132 -2.99 -10.89 -5.00
#